data_3RBG
#
_entry.id   3RBG
#
_cell.length_a   116.020
_cell.length_b   116.291
_cell.length_c   79.018
_cell.angle_alpha   90.000
_cell.angle_beta   90.000
_cell.angle_gamma   90.000
#
_symmetry.space_group_name_H-M   'C 2 2 21'
#
loop_
_entity.id
_entity.type
_entity.pdbx_description
1 polymer 'Cytotoxic and regulatory T-cell molecule'
2 non-polymer 'PHOSPHATE ION'
3 water water
#
_entity_poly.entity_id   1
_entity_poly.type   'polypeptide(L)'
_entity_poly.pdbx_seq_one_letter_code
;MGSLTNHTETITVEEGQTLTLKCVTSLRKNSSLQWLTPSGFTIFLNEYPVLKNSKYQLLHHSANQLSITVPNVTLQDEGV
YKCLHYSDSVSTKEVKVIVLATMKGEFCRYPSHWRPLEHHHHHH
;
_entity_poly.pdbx_strand_id   A,B,C,D
#
loop_
_chem_comp.id
_chem_comp.type
_chem_comp.name
_chem_comp.formula
PO4 non-polymer 'PHOSPHATE ION' 'O4 P -3'
#
# COMPACT_ATOMS: atom_id res chain seq x y z
N LEU A 4 -9.14 -0.16 3.69
CA LEU A 4 -8.61 -1.25 4.57
C LEU A 4 -8.34 -2.57 3.83
N THR A 5 -7.10 -3.02 3.88
CA THR A 5 -6.61 -4.13 3.06
C THR A 5 -6.88 -5.46 3.73
N ASN A 6 -7.58 -6.36 3.06
CA ASN A 6 -7.84 -7.68 3.63
C ASN A 6 -6.58 -8.52 3.55
N HIS A 7 -6.61 -9.77 4.03
CA HIS A 7 -5.40 -10.62 4.04
C HIS A 7 -5.02 -11.15 2.66
N THR A 8 -6.00 -11.21 1.77
CA THR A 8 -5.78 -11.64 0.41
C THR A 8 -6.57 -10.68 -0.46
N GLU A 9 -5.98 -10.25 -1.58
CA GLU A 9 -6.65 -9.39 -2.54
C GLU A 9 -6.15 -9.77 -3.92
N THR A 10 -7.00 -9.65 -4.92
CA THR A 10 -6.59 -9.79 -6.30
C THR A 10 -6.97 -8.48 -6.97
N ILE A 11 -6.04 -7.83 -7.65
CA ILE A 11 -6.39 -6.64 -8.42
C ILE A 11 -5.79 -6.76 -9.83
N THR A 12 -6.37 -6.05 -10.79
CA THR A 12 -5.86 -6.05 -12.15
C THR A 12 -5.43 -4.65 -12.53
N VAL A 13 -4.62 -4.58 -13.59
CA VAL A 13 -4.16 -3.33 -14.16
C VAL A 13 -3.83 -3.59 -15.62
N GLU A 14 -4.19 -2.65 -16.48
CA GLU A 14 -3.86 -2.75 -17.91
C GLU A 14 -2.36 -2.59 -18.14
N GLU A 15 -1.82 -3.43 -19.02
CA GLU A 15 -0.46 -3.27 -19.49
C GLU A 15 -0.20 -1.86 -19.95
N GLY A 16 0.96 -1.32 -19.56
CA GLY A 16 1.37 0.03 -19.97
C GLY A 16 0.83 1.13 -19.09
N GLN A 17 -0.10 0.81 -18.21
CA GLN A 17 -0.64 1.80 -17.31
C GLN A 17 0.10 1.82 -15.96
N THR A 18 -0.27 2.74 -15.10
CA THR A 18 0.28 2.79 -13.76
C THR A 18 -0.55 1.91 -12.82
N LEU A 19 0.15 1.00 -12.16
CA LEU A 19 -0.38 0.20 -11.07
C LEU A 19 -0.11 0.90 -9.73
N THR A 20 -1.16 0.96 -8.91
CA THR A 20 -1.07 1.47 -7.54
C THR A 20 -1.30 0.33 -6.52
N LEU A 21 -0.35 0.15 -5.59
CA LEU A 21 -0.50 -0.81 -4.49
C LEU A 21 -0.63 -0.03 -3.19
N LYS A 22 -1.83 -0.09 -2.63
CA LYS A 22 -2.14 0.60 -1.39
C LYS A 22 -2.35 -0.42 -0.31
N CYS A 23 -1.61 -0.28 0.78
CA CYS A 23 -1.85 -1.05 1.98
C CYS A 23 -2.29 -0.08 3.09
N VAL A 24 -3.47 -0.36 3.64
CA VAL A 24 -4.10 0.44 4.67
C VAL A 24 -4.38 -0.52 5.79
N THR A 25 -4.02 -0.13 7.00
CA THR A 25 -4.12 -1.02 8.15
C THR A 25 -4.70 -0.24 9.32
N SER A 26 -4.85 -0.87 10.48
CA SER A 26 -5.19 -0.20 11.74
C SER A 26 -4.05 0.69 12.17
N LEU A 27 -4.37 1.71 12.95
CA LEU A 27 -3.35 2.62 13.43
C LEU A 27 -2.76 2.04 14.70
N ARG A 28 -1.47 1.73 14.65
CA ARG A 28 -0.72 1.16 15.80
C ARG A 28 0.56 1.98 16.08
N LYS A 29 0.84 2.26 17.35
CA LYS A 29 1.92 3.17 17.73
C LYS A 29 3.26 2.55 17.41
N ASN A 30 4.19 3.37 16.90
CA ASN A 30 5.57 2.92 16.69
C ASN A 30 5.65 1.69 15.78
N SER A 31 4.75 1.59 14.81
CA SER A 31 4.67 0.43 13.93
C SER A 31 5.37 0.65 12.59
N SER A 32 5.60 -0.45 11.87
CA SER A 32 6.27 -0.41 10.56
C SER A 32 5.39 -0.99 9.48
N LEU A 33 5.62 -0.50 8.26
CA LEU A 33 4.95 -1.01 7.07
C LEU A 33 5.95 -1.30 5.98
N GLN A 34 5.70 -2.32 5.18
CA GLN A 34 6.71 -2.75 4.22
C GLN A 34 6.04 -3.39 3.00
N TRP A 35 6.51 -3.06 1.80
CA TRP A 35 6.07 -3.75 0.60
C TRP A 35 7.17 -4.67 0.08
N LEU A 36 6.78 -5.86 -0.36
CA LEU A 36 7.73 -6.80 -0.91
C LEU A 36 7.31 -7.13 -2.34
N THR A 37 8.28 -7.36 -3.24
CA THR A 37 7.98 -7.87 -4.58
C THR A 37 7.57 -9.34 -4.51
N PRO A 38 6.91 -9.85 -5.56
CA PRO A 38 6.64 -11.29 -5.63
C PRO A 38 7.92 -12.11 -5.42
N SER A 39 9.05 -11.62 -5.94
CA SER A 39 10.34 -12.27 -5.71
C SER A 39 10.88 -12.13 -4.27
N GLY A 40 10.15 -11.45 -3.39
CA GLY A 40 10.56 -11.28 -1.99
C GLY A 40 11.55 -10.16 -1.60
N PHE A 41 11.79 -9.19 -2.49
CA PHE A 41 12.66 -8.06 -2.20
C PHE A 41 11.87 -6.91 -1.57
N THR A 42 12.46 -6.20 -0.62
CA THR A 42 11.81 -5.04 -0.03
C THR A 42 11.84 -3.81 -0.97
N ILE A 43 10.68 -3.22 -1.21
CA ILE A 43 10.61 -2.07 -2.08
C ILE A 43 10.72 -0.79 -1.23
N PHE A 44 9.86 -0.67 -0.23
CA PHE A 44 9.93 0.42 0.76
C PHE A 44 9.76 -0.18 2.15
N LEU A 45 10.49 0.36 3.10
CA LEU A 45 10.23 0.11 4.49
C LEU A 45 9.88 1.46 5.01
N ASN A 46 8.63 1.63 5.45
CA ASN A 46 8.08 2.94 5.77
C ASN A 46 8.36 3.78 4.52
N GLU A 47 8.72 5.07 4.68
CA GLU A 47 8.85 5.98 3.55
C GLU A 47 10.13 5.82 2.72
N TYR A 48 10.99 4.89 3.11
CA TYR A 48 12.35 4.79 2.56
C TYR A 48 12.53 3.63 1.59
N PRO A 49 12.98 3.92 0.36
CA PRO A 49 13.20 2.84 -0.59
C PRO A 49 14.38 1.95 -0.17
N VAL A 50 14.31 0.67 -0.49
CA VAL A 50 15.43 -0.24 -0.23
C VAL A 50 15.96 -0.84 -1.55
N LEU A 51 15.08 -1.45 -2.33
CA LEU A 51 15.46 -1.97 -3.64
C LEU A 51 15.97 -0.83 -4.52
N LYS A 52 17.17 -0.96 -5.07
CA LYS A 52 17.78 0.12 -5.82
C LYS A 52 17.48 -0.11 -7.27
N ASN A 53 17.68 0.93 -8.08
CA ASN A 53 17.72 0.76 -9.53
C ASN A 53 16.38 0.38 -10.16
N SER A 54 15.27 0.74 -9.53
CA SER A 54 14.01 0.36 -10.16
C SER A 54 12.97 1.47 -10.21
N LYS A 55 11.86 1.14 -10.87
CA LYS A 55 10.77 2.07 -11.18
C LYS A 55 9.65 2.16 -10.15
N TYR A 56 9.79 1.51 -9.01
CA TYR A 56 8.79 1.70 -7.96
C TYR A 56 8.92 3.11 -7.36
N GLN A 57 7.81 3.72 -7.02
CA GLN A 57 7.88 5.07 -6.48
C GLN A 57 6.99 5.12 -5.30
N LEU A 58 7.32 6.01 -4.35
CA LEU A 58 6.46 6.22 -3.20
C LEU A 58 5.30 7.11 -3.64
N LEU A 59 4.09 6.79 -3.16
CA LEU A 59 2.94 7.67 -3.30
C LEU A 59 2.58 8.26 -1.96
N HIS A 60 2.52 7.42 -0.94
CA HIS A 60 2.06 7.90 0.35
C HIS A 60 2.61 7.07 1.51
N HIS A 61 3.11 7.72 2.55
CA HIS A 61 3.35 7.01 3.80
C HIS A 61 2.81 7.75 5.01
N SER A 62 2.08 7.03 5.86
CA SER A 62 1.79 7.49 7.21
C SER A 62 1.67 6.30 8.15
N ALA A 63 1.32 6.53 9.41
CA ALA A 63 1.31 5.42 10.36
C ALA A 63 0.45 4.23 9.88
N ASN A 64 -0.66 4.49 9.18
CA ASN A 64 -1.60 3.44 8.79
C ASN A 64 -1.74 3.24 7.26
N GLN A 65 -0.77 3.73 6.50
CA GLN A 65 -0.83 3.56 5.07
C GLN A 65 0.54 3.55 4.46
N LEU A 66 0.77 2.60 3.57
CA LEU A 66 1.95 2.61 2.73
C LEU A 66 1.48 2.36 1.30
N SER A 67 1.51 3.40 0.48
CA SER A 67 1.15 3.24 -0.91
C SER A 67 2.28 3.57 -1.88
N ILE A 68 2.39 2.71 -2.89
CA ILE A 68 3.44 2.82 -3.91
C ILE A 68 2.91 2.63 -5.34
N THR A 69 3.67 3.07 -6.33
CA THR A 69 3.28 2.92 -7.71
C THR A 69 4.35 2.19 -8.51
N VAL A 70 3.91 1.57 -9.61
CA VAL A 70 4.77 1.03 -10.65
C VAL A 70 4.20 1.60 -11.94
N PRO A 71 4.82 2.64 -12.52
CA PRO A 71 4.25 3.10 -13.77
C PRO A 71 4.73 2.21 -14.92
N ASN A 72 4.19 2.42 -16.13
CA ASN A 72 4.51 1.55 -17.30
C ASN A 72 4.53 0.08 -16.97
N VAL A 73 3.47 -0.39 -16.33
CA VAL A 73 3.45 -1.77 -15.88
C VAL A 73 3.58 -2.74 -17.04
N THR A 74 4.26 -3.85 -16.77
CA THR A 74 4.45 -4.88 -17.78
C THR A 74 4.14 -6.24 -17.14
N LEU A 75 4.00 -7.27 -17.98
CA LEU A 75 3.65 -8.63 -17.51
C LEU A 75 4.68 -9.23 -16.53
N GLN A 76 5.89 -8.70 -16.52
CA GLN A 76 6.89 -9.15 -15.55
C GLN A 76 6.51 -8.68 -14.15
N ASP A 77 5.61 -7.71 -14.11
CA ASP A 77 5.23 -7.02 -12.88
C ASP A 77 4.06 -7.70 -12.19
N GLU A 78 3.64 -8.85 -12.71
CA GLU A 78 2.52 -9.56 -12.12
C GLU A 78 3.00 -10.54 -11.06
N GLY A 79 2.11 -10.93 -10.15
CA GLY A 79 2.47 -11.83 -9.09
C GLY A 79 1.93 -11.36 -7.75
N VAL A 80 2.24 -12.10 -6.69
CA VAL A 80 1.79 -11.73 -5.37
C VAL A 80 2.76 -10.76 -4.62
N TYR A 81 2.32 -9.53 -4.44
CA TYR A 81 3.04 -8.58 -3.61
C TYR A 81 2.60 -8.74 -2.16
N LYS A 82 3.51 -8.46 -1.24
CA LYS A 82 3.23 -8.64 0.16
C LYS A 82 3.44 -7.31 0.92
N CYS A 83 2.41 -6.88 1.64
CA CYS A 83 2.55 -5.74 2.55
C CYS A 83 2.62 -6.25 3.97
N LEU A 84 3.67 -5.88 4.71
CA LEU A 84 3.76 -6.27 6.11
C LEU A 84 3.61 -5.10 7.10
N HIS A 85 2.96 -5.41 8.20
CA HIS A 85 2.60 -4.43 9.23
C HIS A 85 3.14 -4.95 10.55
N TYR A 86 4.20 -4.30 11.01
CA TYR A 86 4.95 -4.76 12.15
C TYR A 86 4.54 -3.97 13.37
N SER A 87 3.75 -4.58 14.24
CA SER A 87 3.42 -4.01 15.52
CA SER A 87 3.42 -4.00 15.53
C SER A 87 3.86 -5.01 16.59
N ASP A 88 3.16 -5.06 17.72
CA ASP A 88 3.43 -6.12 18.69
C ASP A 88 3.51 -7.43 17.92
N SER A 89 2.64 -7.52 16.92
CA SER A 89 2.54 -8.70 16.12
C SER A 89 2.72 -8.27 14.65
N VAL A 90 3.10 -9.23 13.80
CA VAL A 90 3.22 -8.99 12.35
C VAL A 90 2.04 -9.55 11.55
N SER A 91 1.27 -8.67 10.91
CA SER A 91 0.26 -9.16 9.97
C SER A 91 0.59 -8.86 8.50
N THR A 92 0.05 -9.70 7.63
CA THR A 92 0.46 -9.85 6.24
C THR A 92 -0.75 -9.67 5.34
N LYS A 93 -0.59 -8.90 4.26
CA LYS A 93 -1.60 -8.86 3.21
C LYS A 93 -0.90 -9.25 1.94
N GLU A 94 -1.44 -10.24 1.25
CA GLU A 94 -0.87 -10.55 -0.04
C GLU A 94 -1.82 -10.09 -1.13
N VAL A 95 -1.27 -9.36 -2.09
CA VAL A 95 -2.04 -8.75 -3.15
C VAL A 95 -1.59 -9.36 -4.43
N LYS A 96 -2.50 -10.00 -5.14
CA LYS A 96 -2.14 -10.69 -6.35
C LYS A 96 -2.44 -9.74 -7.47
N VAL A 97 -1.42 -9.41 -8.25
CA VAL A 97 -1.59 -8.52 -9.37
C VAL A 97 -1.68 -9.30 -10.67
N ILE A 98 -2.72 -9.01 -11.44
CA ILE A 98 -2.89 -9.56 -12.77
C ILE A 98 -2.81 -8.42 -13.77
N VAL A 99 -1.98 -8.59 -14.78
CA VAL A 99 -1.74 -7.53 -15.75
C VAL A 99 -2.51 -7.87 -17.02
N LEU A 100 -3.37 -6.95 -17.48
CA LEU A 100 -4.20 -7.18 -18.66
C LEU A 100 -3.56 -6.68 -19.96
N ALA A 101 -3.65 -7.49 -21.02
CA ALA A 101 -2.88 -7.23 -22.25
C ALA A 101 -3.25 -5.98 -23.05
N THR A 102 -4.54 -5.82 -23.35
CA THR A 102 -4.94 -4.78 -24.33
C THR A 102 -6.08 -3.88 -23.90
N SER B 3 -18.27 3.40 1.18
CA SER B 3 -19.06 2.53 2.11
C SER B 3 -19.75 1.38 1.38
N LEU B 4 -20.70 0.74 2.08
CA LEU B 4 -21.36 -0.48 1.60
C LEU B 4 -22.35 -0.22 0.45
N THR B 5 -22.42 -1.17 -0.47
CA THR B 5 -23.39 -1.11 -1.56
C THR B 5 -24.76 -1.37 -0.94
N ASN B 6 -25.78 -0.69 -1.44
CA ASN B 6 -27.16 -0.83 -0.94
C ASN B 6 -27.94 -1.95 -1.63
N HIS B 7 -29.02 -2.37 -1.00
CA HIS B 7 -29.92 -3.39 -1.56
C HIS B 7 -30.37 -2.97 -2.99
N THR B 8 -30.70 -1.69 -3.22
CA THR B 8 -30.86 -1.23 -4.61
C THR B 8 -30.20 0.09 -4.88
N GLU B 9 -29.76 0.28 -6.12
CA GLU B 9 -29.19 1.56 -6.53
C GLU B 9 -29.26 1.76 -8.04
N THR B 10 -29.26 3.03 -8.46
CA THR B 10 -29.28 3.40 -9.87
C THR B 10 -28.04 4.20 -10.21
N ILE B 11 -27.41 3.86 -11.33
CA ILE B 11 -26.25 4.59 -11.75
C ILE B 11 -26.33 4.83 -13.24
N THR B 12 -25.55 5.79 -13.72
CA THR B 12 -25.50 6.10 -15.12
C THR B 12 -24.07 6.07 -15.62
N VAL B 13 -23.93 5.77 -16.90
CA VAL B 13 -22.65 5.82 -17.57
C VAL B 13 -22.78 6.28 -19.02
N GLU B 14 -21.70 6.85 -19.51
CA GLU B 14 -21.65 7.39 -20.84
C GLU B 14 -21.45 6.28 -21.84
N GLU B 15 -22.37 6.21 -22.81
CA GLU B 15 -22.22 5.26 -23.89
C GLU B 15 -20.86 5.44 -24.55
N GLY B 16 -20.13 4.33 -24.72
CA GLY B 16 -18.78 4.40 -25.24
C GLY B 16 -17.72 4.42 -24.13
N GLN B 17 -18.13 4.76 -22.90
CA GLN B 17 -17.18 4.78 -21.77
C GLN B 17 -17.14 3.44 -20.99
N THR B 18 -16.23 3.36 -20.02
CA THR B 18 -16.11 2.20 -19.13
C THR B 18 -16.96 2.32 -17.86
N LEU B 19 -17.89 1.38 -17.71
CA LEU B 19 -18.67 1.24 -16.48
C LEU B 19 -17.86 0.47 -15.42
N THR B 20 -17.87 0.95 -14.18
CA THR B 20 -17.30 0.18 -13.06
C THR B 20 -18.45 -0.25 -12.17
N LEU B 21 -18.47 -1.52 -11.80
CA LEU B 21 -19.51 -2.01 -10.94
C LEU B 21 -18.80 -2.49 -9.69
N LYS B 22 -19.14 -1.90 -8.54
CA LYS B 22 -18.44 -2.19 -7.32
C LYS B 22 -19.44 -2.65 -6.30
N CYS B 23 -19.11 -3.78 -5.71
CA CYS B 23 -19.90 -4.37 -4.68
C CYS B 23 -18.99 -4.58 -3.48
N VAL B 24 -19.24 -3.77 -2.44
CA VAL B 24 -18.51 -3.81 -1.19
C VAL B 24 -19.49 -4.24 -0.09
N THR B 25 -19.11 -5.23 0.70
CA THR B 25 -19.99 -5.77 1.74
C THR B 25 -19.30 -5.79 3.09
N SER B 26 -19.95 -6.34 4.10
CA SER B 26 -19.32 -6.53 5.38
C SER B 26 -18.39 -7.72 5.22
N LEU B 27 -17.68 -8.06 6.30
CA LEU B 27 -16.69 -9.12 6.26
C LEU B 27 -17.25 -10.36 6.92
N ARG B 28 -17.22 -11.47 6.18
CA ARG B 28 -17.75 -12.74 6.66
C ARG B 28 -16.79 -13.84 6.27
N LYS B 29 -16.43 -14.70 7.21
CA LYS B 29 -15.50 -15.79 6.91
C LYS B 29 -16.13 -16.78 5.94
N ASN B 30 -15.37 -17.24 4.97
CA ASN B 30 -15.82 -18.33 4.10
C ASN B 30 -16.88 -17.95 3.05
N SER B 31 -17.17 -16.66 2.93
CA SER B 31 -18.24 -16.24 2.05
C SER B 31 -17.85 -16.08 0.57
N SER B 32 -18.87 -16.08 -0.29
CA SER B 32 -18.69 -15.87 -1.72
C SER B 32 -19.37 -14.61 -2.24
N LEU B 33 -18.87 -14.10 -3.36
CA LEU B 33 -19.44 -12.96 -4.03
C LEU B 33 -19.65 -13.28 -5.51
N GLN B 34 -20.69 -12.72 -6.10
CA GLN B 34 -21.03 -13.09 -7.44
C GLN B 34 -21.69 -11.90 -8.06
N TRP B 35 -21.33 -11.61 -9.31
CA TRP B 35 -22.01 -10.60 -10.13
C TRP B 35 -22.79 -11.25 -11.27
N LEU B 36 -24.03 -10.86 -11.48
CA LEU B 36 -24.78 -11.37 -12.61
C LEU B 36 -25.09 -10.25 -13.59
N THR B 37 -25.17 -10.60 -14.87
CA THR B 37 -25.59 -9.68 -15.90
C THR B 37 -27.10 -9.45 -15.75
N PRO B 38 -27.65 -8.41 -16.41
CA PRO B 38 -29.11 -8.31 -16.35
C PRO B 38 -29.79 -9.57 -16.93
N SER B 39 -29.13 -10.24 -17.86
CA SER B 39 -29.76 -11.43 -18.42
C SER B 39 -29.66 -12.67 -17.48
N GLY B 40 -29.02 -12.53 -16.32
CA GLY B 40 -29.04 -13.55 -15.26
C GLY B 40 -27.86 -14.52 -15.33
N PHE B 41 -26.87 -14.16 -16.15
CA PHE B 41 -25.65 -14.94 -16.31
C PHE B 41 -24.57 -14.54 -15.28
N THR B 42 -23.82 -15.51 -14.75
CA THR B 42 -22.74 -15.21 -13.82
C THR B 42 -21.48 -14.72 -14.54
N ILE B 43 -21.07 -13.50 -14.23
CA ILE B 43 -19.86 -12.91 -14.83
C ILE B 43 -18.63 -13.34 -14.06
N PHE B 44 -18.64 -13.08 -12.77
CA PHE B 44 -17.62 -13.65 -11.88
C PHE B 44 -18.29 -14.28 -10.69
N LEU B 45 -17.68 -15.34 -10.20
CA LEU B 45 -17.92 -15.82 -8.86
C LEU B 45 -16.57 -15.75 -8.20
N ASN B 46 -16.47 -14.95 -7.15
CA ASN B 46 -15.17 -14.59 -6.56
C ASN B 46 -14.25 -14.10 -7.70
N GLU B 47 -13.02 -14.60 -7.83
CA GLU B 47 -12.13 -14.11 -8.88
C GLU B 47 -12.16 -14.96 -10.16
N TYR B 48 -13.02 -15.96 -10.18
N TYR B 48 -13.05 -15.96 -10.17
CA TYR B 48 -13.08 -16.85 -11.32
CA TYR B 48 -13.24 -16.89 -11.27
C TYR B 48 -14.21 -16.41 -12.25
C TYR B 48 -14.27 -16.34 -12.26
N PRO B 49 -13.85 -16.15 -13.52
CA PRO B 49 -14.78 -15.74 -14.55
C PRO B 49 -15.61 -16.95 -14.92
N VAL B 50 -16.89 -16.74 -15.17
CA VAL B 50 -17.76 -17.83 -15.59
C VAL B 50 -18.19 -17.62 -17.05
N LEU B 51 -18.90 -16.55 -17.33
CA LEU B 51 -19.23 -16.21 -18.70
C LEU B 51 -17.93 -16.21 -19.50
N LYS B 52 -17.92 -16.84 -20.67
CA LYS B 52 -16.71 -16.89 -21.50
C LYS B 52 -16.72 -15.87 -22.63
N ASN B 53 -15.53 -15.63 -23.19
CA ASN B 53 -15.37 -14.75 -24.35
C ASN B 53 -16.17 -13.46 -24.20
N SER B 54 -16.01 -12.79 -23.05
CA SER B 54 -16.74 -11.55 -22.81
C SER B 54 -15.83 -10.37 -22.60
N LYS B 55 -16.40 -9.19 -22.70
CA LYS B 55 -15.61 -8.02 -22.51
C LYS B 55 -15.51 -7.60 -21.03
N TYR B 56 -16.21 -8.30 -20.15
CA TYR B 56 -16.16 -7.96 -18.70
C TYR B 56 -14.83 -8.32 -18.12
N GLN B 57 -14.27 -7.43 -17.29
CA GLN B 57 -12.94 -7.65 -16.73
C GLN B 57 -13.01 -7.55 -15.23
N LEU B 58 -12.17 -8.30 -14.53
CA LEU B 58 -12.05 -8.15 -13.10
C LEU B 58 -11.33 -6.83 -12.78
N LEU B 59 -11.73 -6.16 -11.72
CA LEU B 59 -11.01 -5.01 -11.23
C LEU B 59 -10.46 -5.34 -9.84
N HIS B 60 -11.33 -5.77 -8.95
CA HIS B 60 -10.88 -6.07 -7.59
C HIS B 60 -11.62 -7.26 -7.00
N HIS B 61 -10.90 -8.13 -6.33
CA HIS B 61 -11.58 -9.09 -5.51
C HIS B 61 -10.91 -9.29 -4.18
N SER B 62 -11.70 -9.19 -3.11
CA SER B 62 -11.27 -9.64 -1.79
C SER B 62 -12.52 -10.06 -0.98
N ALA B 63 -12.34 -10.50 0.25
CA ALA B 63 -13.43 -11.13 1.01
C ALA B 63 -14.68 -10.25 1.08
N ASN B 64 -14.46 -8.93 1.01
CA ASN B 64 -15.56 -8.00 1.11
C ASN B 64 -15.70 -7.10 -0.12
N GLN B 65 -15.01 -7.45 -1.20
CA GLN B 65 -15.17 -6.65 -2.38
C GLN B 65 -15.09 -7.44 -3.68
N LEU B 66 -16.03 -7.15 -4.57
CA LEU B 66 -15.99 -7.65 -5.92
C LEU B 66 -16.38 -6.53 -6.88
N SER B 67 -15.37 -5.99 -7.56
CA SER B 67 -15.57 -4.99 -8.58
C SER B 67 -15.04 -5.45 -9.93
N ILE B 68 -15.84 -5.16 -10.95
CA ILE B 68 -15.57 -5.60 -12.29
C ILE B 68 -15.82 -4.39 -13.19
N THR B 69 -15.30 -4.43 -14.42
CA THR B 69 -15.52 -3.34 -15.37
C THR B 69 -16.15 -3.82 -16.68
N VAL B 70 -16.98 -2.95 -17.29
CA VAL B 70 -17.64 -3.19 -18.58
C VAL B 70 -17.17 -2.14 -19.60
N PRO B 71 -16.14 -2.47 -20.41
CA PRO B 71 -15.62 -1.49 -21.38
C PRO B 71 -16.58 -1.23 -22.53
N ASN B 72 -16.43 -0.10 -23.21
CA ASN B 72 -17.21 0.25 -24.42
C ASN B 72 -18.68 0.06 -24.22
N VAL B 73 -19.24 0.68 -23.17
CA VAL B 73 -20.60 0.41 -22.81
C VAL B 73 -21.46 0.68 -24.01
N THR B 74 -22.50 -0.12 -24.21
CA THR B 74 -23.48 0.23 -25.22
C THR B 74 -24.85 0.11 -24.59
N LEU B 75 -25.88 0.41 -25.36
CA LEU B 75 -27.25 0.36 -24.86
C LEU B 75 -27.57 -1.06 -24.44
N GLN B 76 -27.03 -2.01 -25.18
CA GLN B 76 -27.20 -3.42 -24.91
C GLN B 76 -26.78 -3.74 -23.47
N ASP B 77 -25.87 -2.92 -22.91
CA ASP B 77 -25.30 -3.16 -21.58
C ASP B 77 -26.10 -2.63 -20.40
N GLU B 78 -27.23 -1.96 -20.66
CA GLU B 78 -28.00 -1.36 -19.57
C GLU B 78 -28.94 -2.36 -18.92
N GLY B 79 -29.41 -2.06 -17.72
CA GLY B 79 -30.29 -2.98 -17.00
C GLY B 79 -29.81 -3.26 -15.58
N VAL B 80 -30.53 -4.15 -14.89
CA VAL B 80 -30.25 -4.52 -13.52
C VAL B 80 -29.20 -5.62 -13.38
N TYR B 81 -28.01 -5.24 -12.95
CA TYR B 81 -26.99 -6.19 -12.54
C TYR B 81 -27.18 -6.53 -11.05
N LYS B 82 -26.87 -7.76 -10.68
CA LYS B 82 -27.02 -8.18 -9.31
C LYS B 82 -25.71 -8.64 -8.75
N CYS B 83 -25.39 -8.17 -7.55
CA CYS B 83 -24.29 -8.71 -6.79
C CYS B 83 -24.88 -9.55 -5.65
N LEU B 84 -24.43 -10.80 -5.54
CA LEU B 84 -24.89 -11.66 -4.47
C LEU B 84 -23.76 -11.98 -3.49
N HIS B 85 -24.07 -11.97 -2.21
CA HIS B 85 -23.07 -12.27 -1.18
C HIS B 85 -23.60 -13.42 -0.36
N TYR B 86 -22.87 -14.52 -0.38
CA TYR B 86 -23.33 -15.75 0.19
C TYR B 86 -22.64 -16.04 1.48
N SER B 87 -23.38 -15.99 2.59
N SER B 87 -23.37 -15.90 2.57
CA SER B 87 -22.85 -16.43 3.87
CA SER B 87 -22.93 -16.40 3.84
C SER B 87 -23.73 -17.47 4.55
C SER B 87 -24.09 -17.18 4.44
N ASP B 88 -24.22 -17.17 5.75
CA ASP B 88 -25.26 -17.98 6.36
C ASP B 88 -26.54 -17.78 5.63
N SER B 89 -26.77 -16.56 5.20
CA SER B 89 -27.80 -16.32 4.21
C SER B 89 -27.19 -15.62 3.01
N VAL B 90 -28.04 -15.11 2.14
CA VAL B 90 -27.66 -14.50 0.91
C VAL B 90 -28.22 -13.08 0.92
N SER B 91 -27.37 -12.07 0.73
CA SER B 91 -27.91 -10.74 0.47
C SER B 91 -27.74 -10.41 -1.00
N THR B 92 -28.70 -9.66 -1.52
CA THR B 92 -28.69 -9.27 -2.91
C THR B 92 -28.54 -7.74 -3.00
N LYS B 93 -27.76 -7.29 -3.97
CA LYS B 93 -27.69 -5.87 -4.29
C LYS B 93 -28.03 -5.70 -5.78
N GLU B 94 -29.09 -4.97 -6.07
CA GLU B 94 -29.54 -4.71 -7.42
C GLU B 94 -29.09 -3.33 -7.89
N VAL B 95 -28.19 -3.32 -8.86
CA VAL B 95 -27.73 -2.08 -9.49
C VAL B 95 -28.29 -1.91 -10.89
N LYS B 96 -29.24 -0.98 -11.00
CA LYS B 96 -29.80 -0.60 -12.27
C LYS B 96 -28.84 0.32 -12.99
N VAL B 97 -28.36 -0.12 -14.16
CA VAL B 97 -27.45 0.69 -14.96
C VAL B 97 -28.17 1.38 -16.11
N ILE B 98 -28.02 2.70 -16.18
CA ILE B 98 -28.59 3.50 -17.27
C ILE B 98 -27.48 3.96 -18.21
N VAL B 99 -27.67 3.69 -19.49
CA VAL B 99 -26.67 4.09 -20.43
C VAL B 99 -27.10 5.39 -21.08
N LEU B 100 -26.26 6.42 -20.99
CA LEU B 100 -26.62 7.74 -21.56
C LEU B 100 -26.01 7.93 -22.97
N ALA B 101 -26.82 8.44 -23.88
CA ALA B 101 -26.38 8.56 -25.29
C ALA B 101 -25.15 9.45 -25.39
N SER C 3 35.42 -14.25 6.38
CA SER C 3 35.35 -14.20 4.89
C SER C 3 33.93 -14.37 4.37
N LEU C 4 33.78 -14.41 3.05
CA LEU C 4 32.45 -14.33 2.42
C LEU C 4 31.43 -15.39 2.86
N THR C 5 30.17 -14.97 2.93
CA THR C 5 29.07 -15.87 3.17
C THR C 5 28.67 -16.38 1.80
N ASN C 6 28.54 -17.70 1.65
CA ASN C 6 28.19 -18.32 0.37
C ASN C 6 26.70 -18.24 0.09
N HIS C 7 26.28 -18.57 -1.12
CA HIS C 7 24.84 -18.48 -1.43
C HIS C 7 23.95 -19.37 -0.58
N THR C 8 24.53 -20.46 -0.09
CA THR C 8 23.82 -21.30 0.85
C THR C 8 24.78 -21.82 1.90
N GLU C 9 24.32 -21.96 3.14
CA GLU C 9 25.13 -22.55 4.20
C GLU C 9 24.21 -23.28 5.16
N THR C 10 24.75 -24.30 5.82
CA THR C 10 24.06 -24.96 6.90
C THR C 10 24.90 -24.76 8.15
N ILE C 11 24.28 -24.30 9.22
CA ILE C 11 24.99 -24.24 10.48
C ILE C 11 24.19 -24.85 11.63
N THR C 12 24.88 -25.25 12.68
CA THR C 12 24.21 -25.81 13.85
C THR C 12 24.51 -25.06 15.11
N VAL C 13 23.64 -25.24 16.09
CA VAL C 13 23.74 -24.56 17.36
C VAL C 13 23.07 -25.43 18.44
N GLU C 14 23.66 -25.49 19.61
CA GLU C 14 23.06 -26.23 20.68
C GLU C 14 21.86 -25.45 21.23
N GLU C 15 20.71 -26.11 21.36
CA GLU C 15 19.61 -25.47 22.06
C GLU C 15 20.04 -24.94 23.41
N GLY C 16 19.56 -23.72 23.73
CA GLY C 16 19.87 -23.06 24.99
C GLY C 16 21.03 -22.10 24.86
N GLN C 17 21.88 -22.33 23.87
CA GLN C 17 23.01 -21.44 23.65
C GLN C 17 22.65 -20.23 22.78
N THR C 18 23.66 -19.44 22.44
CA THR C 18 23.46 -18.28 21.59
C THR C 18 23.80 -18.57 20.12
N LEU C 19 22.87 -18.25 19.23
CA LEU C 19 23.10 -18.39 17.80
C LEU C 19 23.58 -17.07 17.21
N THR C 20 24.68 -17.12 16.45
CA THR C 20 25.21 -15.95 15.76
C THR C 20 25.02 -16.10 14.26
N LEU C 21 24.22 -15.25 13.64
CA LEU C 21 24.07 -15.23 12.19
C LEU C 21 24.88 -14.08 11.61
N LYS C 22 25.85 -14.45 10.78
CA LYS C 22 26.91 -13.58 10.37
C LYS C 22 26.82 -13.46 8.88
N CYS C 23 26.49 -12.26 8.38
CA CYS C 23 26.50 -12.03 6.94
C CYS C 23 27.58 -11.02 6.56
N VAL C 24 28.51 -11.51 5.73
CA VAL C 24 29.65 -10.77 5.24
C VAL C 24 29.55 -10.76 3.74
N THR C 25 29.67 -9.61 3.11
CA THR C 25 29.50 -9.57 1.65
C THR C 25 30.57 -8.76 0.99
N SER C 26 30.45 -8.60 -0.31
CA SER C 26 31.33 -7.71 -1.03
C SER C 26 31.05 -6.31 -0.51
N LEU C 27 31.99 -5.43 -0.80
CA LEU C 27 31.96 -4.04 -0.38
C LEU C 27 31.35 -3.15 -1.47
N ARG C 28 30.25 -2.48 -1.15
CA ARG C 28 29.50 -1.78 -2.18
C ARG C 28 28.86 -0.50 -1.68
N LYS C 29 29.10 0.60 -2.39
CA LYS C 29 28.66 1.93 -1.96
C LYS C 29 27.14 2.05 -1.94
N ASN C 30 26.62 2.82 -1.00
CA ASN C 30 25.17 3.06 -0.88
C ASN C 30 24.31 1.79 -0.80
N SER C 31 24.84 0.74 -0.17
CA SER C 31 24.16 -0.57 -0.11
C SER C 31 23.35 -0.83 1.17
N SER C 32 22.58 -1.91 1.15
CA SER C 32 21.76 -2.29 2.29
C SER C 32 22.00 -3.75 2.62
N LEU C 33 21.92 -4.09 3.89
CA LEU C 33 21.95 -5.49 4.31
C LEU C 33 20.70 -5.84 5.09
N GLN C 34 20.24 -7.09 5.01
CA GLN C 34 18.97 -7.41 5.64
C GLN C 34 18.84 -8.86 6.05
N TRP C 35 18.39 -9.10 7.27
CA TRP C 35 18.17 -10.45 7.73
C TRP C 35 16.67 -10.77 7.83
N LEU C 36 16.28 -11.93 7.28
CA LEU C 36 14.90 -12.36 7.37
C LEU C 36 14.81 -13.63 8.21
N THR C 37 13.71 -13.77 8.95
CA THR C 37 13.37 -15.00 9.68
C THR C 37 12.98 -16.09 8.68
N PRO C 38 12.99 -17.37 9.10
CA PRO C 38 12.57 -18.36 8.12
C PRO C 38 11.15 -18.03 7.66
N SER C 39 10.31 -17.61 8.60
CA SER C 39 8.96 -17.23 8.28
C SER C 39 8.83 -15.99 7.33
N GLY C 40 9.92 -15.26 7.08
CA GLY C 40 9.92 -14.14 6.12
C GLY C 40 9.80 -12.71 6.66
N PHE C 41 9.94 -12.54 7.98
CA PHE C 41 9.89 -11.24 8.63
C PHE C 41 11.26 -10.57 8.72
N THR C 42 11.33 -9.27 8.45
CA THR C 42 12.61 -8.58 8.54
C THR C 42 13.06 -8.38 9.99
N ILE C 43 14.26 -8.86 10.32
CA ILE C 43 14.74 -8.72 11.68
C ILE C 43 15.52 -7.39 11.85
N PHE C 44 16.43 -7.13 10.93
CA PHE C 44 17.18 -5.88 10.88
C PHE C 44 17.34 -5.44 9.43
N LEU C 45 17.12 -4.16 9.17
CA LEU C 45 17.53 -3.57 7.92
C LEU C 45 18.67 -2.62 8.24
N ASN C 46 19.85 -2.94 7.76
CA ASN C 46 21.04 -2.31 8.26
C ASN C 46 20.97 -2.41 9.79
N GLU C 47 21.34 -1.36 10.54
CA GLU C 47 21.45 -1.50 12.00
C GLU C 47 20.10 -1.34 12.70
N TYR C 48 19.04 -1.24 11.91
CA TYR C 48 17.75 -0.82 12.42
C TYR C 48 16.79 -1.98 12.58
N PRO C 49 16.35 -2.21 13.83
CA PRO C 49 15.46 -3.31 14.10
C PRO C 49 14.09 -3.04 13.49
N VAL C 50 13.51 -4.06 12.89
CA VAL C 50 12.16 -3.96 12.32
C VAL C 50 11.15 -4.82 13.11
N LEU C 51 11.33 -6.14 13.14
CA LEU C 51 10.52 -6.99 14.01
C LEU C 51 10.47 -6.41 15.45
N LYS C 52 9.28 -6.30 16.03
CA LYS C 52 9.08 -5.38 17.19
C LYS C 52 9.44 -5.87 18.59
N ASN C 53 8.94 -7.03 19.00
CA ASN C 53 9.29 -7.43 20.37
C ASN C 53 9.92 -8.81 20.45
N SER C 54 11.08 -8.93 19.82
CA SER C 54 11.72 -10.20 19.71
C SER C 54 13.06 -10.21 20.41
N LYS C 55 13.58 -11.43 20.54
CA LYS C 55 14.81 -11.73 21.22
C LYS C 55 16.08 -11.46 20.38
N TYR C 56 15.94 -11.06 19.11
CA TYR C 56 17.11 -10.82 18.26
C TYR C 56 17.83 -9.53 18.61
N GLN C 57 19.16 -9.56 18.58
CA GLN C 57 19.93 -8.38 18.96
C GLN C 57 21.00 -8.12 17.92
N LEU C 58 21.31 -6.86 17.66
CA LEU C 58 22.36 -6.57 16.70
C LEU C 58 23.68 -6.97 17.34
N LEU C 59 24.62 -7.47 16.53
CA LEU C 59 25.96 -7.71 17.00
C LEU C 59 26.88 -6.71 16.34
N HIS C 60 26.74 -6.58 15.04
CA HIS C 60 27.66 -5.78 14.27
C HIS C 60 27.01 -5.33 12.94
N HIS C 61 27.16 -4.04 12.63
CA HIS C 61 26.81 -3.57 11.30
C HIS C 61 27.79 -2.58 10.74
N SER C 62 28.21 -2.81 9.51
CA SER C 62 28.96 -1.86 8.69
C SER C 62 28.66 -2.15 7.20
N ALA C 63 29.39 -1.53 6.28
CA ALA C 63 29.02 -1.66 4.87
C ALA C 63 28.96 -3.12 4.31
N ASN C 64 29.83 -4.01 4.80
CA ASN C 64 29.93 -5.38 4.31
C ASN C 64 29.59 -6.43 5.37
N GLN C 65 28.81 -6.05 6.38
CA GLN C 65 28.51 -7.02 7.42
C GLN C 65 27.30 -6.67 8.26
N LEU C 66 26.39 -7.62 8.33
CA LEU C 66 25.29 -7.51 9.24
C LEU C 66 25.31 -8.81 10.01
N SER C 67 25.67 -8.69 11.29
CA SER C 67 25.67 -9.82 12.20
C SER C 67 24.68 -9.64 13.34
N ILE C 68 23.92 -10.68 13.62
CA ILE C 68 22.91 -10.64 14.67
C ILE C 68 22.98 -11.85 15.59
N THR C 69 22.34 -11.76 16.74
CA THR C 69 22.33 -12.87 17.67
C THR C 69 20.91 -13.24 18.03
N VAL C 70 20.71 -14.53 18.30
CA VAL C 70 19.49 -15.09 18.88
C VAL C 70 19.89 -15.87 20.13
N PRO C 71 19.76 -15.26 21.31
CA PRO C 71 20.17 -16.01 22.53
C PRO C 71 19.11 -17.00 23.01
N ASN C 72 19.55 -18.00 23.79
CA ASN C 72 18.65 -19.02 24.27
C ASN C 72 17.91 -19.72 23.14
N VAL C 73 18.67 -20.16 22.14
CA VAL C 73 18.07 -20.70 20.93
C VAL C 73 17.17 -21.87 21.27
N THR C 74 16.00 -21.90 20.66
CA THR C 74 14.99 -22.92 20.90
C THR C 74 14.80 -23.67 19.60
N LEU C 75 14.19 -24.84 19.68
CA LEU C 75 13.88 -25.62 18.48
C LEU C 75 13.04 -24.85 17.47
N GLN C 76 12.34 -23.82 17.93
CA GLN C 76 11.51 -23.03 17.01
C GLN C 76 12.35 -21.98 16.27
N ASP C 77 13.63 -21.89 16.62
CA ASP C 77 14.50 -20.94 15.95
C ASP C 77 15.17 -21.55 14.69
N GLU C 78 14.82 -22.81 14.41
CA GLU C 78 15.38 -23.61 13.32
C GLU C 78 14.87 -23.08 11.98
N GLY C 79 15.52 -23.42 10.88
CA GLY C 79 15.01 -23.02 9.57
C GLY C 79 15.99 -22.19 8.78
N VAL C 80 15.55 -21.78 7.59
CA VAL C 80 16.38 -21.03 6.66
C VAL C 80 16.21 -19.52 6.81
N TYR C 81 17.23 -18.86 7.34
CA TYR C 81 17.27 -17.42 7.42
C TYR C 81 17.88 -16.87 6.14
N LYS C 82 17.43 -15.70 5.71
CA LYS C 82 18.02 -15.07 4.53
C LYS C 82 18.68 -13.75 4.87
N CYS C 83 19.88 -13.55 4.33
CA CYS C 83 20.51 -12.25 4.32
C CYS C 83 20.41 -11.69 2.88
N LEU C 84 19.86 -10.48 2.73
CA LEU C 84 19.80 -9.82 1.43
C LEU C 84 20.77 -8.64 1.36
N HIS C 85 21.44 -8.50 0.22
CA HIS C 85 22.37 -7.44 0.01
C HIS C 85 21.90 -6.70 -1.22
N TYR C 86 21.58 -5.44 -1.02
CA TYR C 86 20.99 -4.59 -2.02
C TYR C 86 22.04 -3.58 -2.53
N SER C 87 22.49 -3.79 -3.76
N SER C 87 22.47 -3.76 -3.77
CA SER C 87 23.29 -2.78 -4.45
CA SER C 87 23.27 -2.77 -4.46
C SER C 87 22.58 -2.62 -5.78
C SER C 87 22.57 -2.54 -5.78
N ASP C 88 23.32 -2.51 -6.88
CA ASP C 88 22.68 -2.41 -8.19
C ASP C 88 21.75 -3.59 -8.44
N SER C 89 22.16 -4.75 -7.98
CA SER C 89 21.24 -5.87 -7.98
C SER C 89 21.21 -6.46 -6.58
N VAL C 90 20.32 -7.44 -6.40
CA VAL C 90 20.15 -8.09 -5.11
C VAL C 90 20.73 -9.50 -5.11
N SER C 91 21.58 -9.77 -4.13
CA SER C 91 22.08 -11.11 -3.91
C SER C 91 21.58 -11.64 -2.58
N THR C 92 21.49 -12.96 -2.49
CA THR C 92 20.80 -13.59 -1.40
C THR C 92 21.74 -14.62 -0.84
N LYS C 93 21.76 -14.76 0.47
CA LYS C 93 22.46 -15.84 1.12
C LYS C 93 21.47 -16.49 2.06
N GLU C 94 21.33 -17.81 1.97
CA GLU C 94 20.37 -18.53 2.77
C GLU C 94 21.15 -19.32 3.76
N VAL C 95 20.80 -19.19 5.02
CA VAL C 95 21.48 -19.95 6.02
C VAL C 95 20.46 -20.83 6.67
N LYS C 96 20.71 -22.13 6.57
CA LYS C 96 19.89 -23.12 7.19
C LYS C 96 20.43 -23.38 8.58
N VAL C 97 19.55 -23.22 9.57
CA VAL C 97 19.94 -23.42 10.96
C VAL C 97 19.39 -24.73 11.47
N ILE C 98 20.24 -25.52 12.12
CA ILE C 98 19.81 -26.76 12.78
C ILE C 98 20.08 -26.65 14.27
N VAL C 99 19.07 -26.86 15.10
CA VAL C 99 19.25 -26.67 16.53
C VAL C 99 19.45 -28.03 17.17
N LEU C 100 20.55 -28.20 17.89
CA LEU C 100 20.93 -29.50 18.45
C LEU C 100 20.53 -29.65 19.91
N ALA C 101 19.95 -30.79 20.24
CA ALA C 101 19.42 -31.09 21.58
C ALA C 101 20.45 -31.24 22.70
N THR C 102 19.93 -31.30 23.95
CA THR C 102 20.65 -31.59 25.24
C THR C 102 21.34 -30.41 25.92
N SER D 3 -9.66 8.36 4.76
CA SER D 3 -9.68 8.39 6.24
C SER D 3 -9.29 9.79 6.77
N LEU D 4 -9.15 9.92 8.08
CA LEU D 4 -8.62 11.15 8.69
C LEU D 4 -7.16 11.37 8.27
N THR D 5 -6.66 12.60 8.37
CA THR D 5 -5.27 12.85 8.06
C THR D 5 -4.49 12.58 9.35
N ASN D 6 -3.28 12.05 9.24
CA ASN D 6 -2.45 11.75 10.40
C ASN D 6 -1.61 12.96 10.85
N HIS D 7 -1.06 12.90 12.05
CA HIS D 7 -0.22 13.97 12.55
CA HIS D 7 -0.16 13.93 12.60
C HIS D 7 1.03 14.17 11.68
N THR D 8 1.52 13.10 11.06
CA THR D 8 2.56 13.25 10.04
C THR D 8 2.32 12.31 8.85
N GLU D 9 2.44 12.84 7.63
CA GLU D 9 2.32 12.05 6.40
C GLU D 9 3.44 12.44 5.45
N THR D 10 3.69 11.62 4.44
CA THR D 10 4.65 11.93 3.41
C THR D 10 4.03 11.54 2.09
N ILE D 11 4.03 12.46 1.12
CA ILE D 11 3.46 12.19 -0.18
C ILE D 11 4.36 12.69 -1.29
N THR D 12 4.13 12.16 -2.48
CA THR D 12 4.85 12.58 -3.67
C THR D 12 3.86 13.03 -4.75
N VAL D 13 4.37 13.85 -5.65
CA VAL D 13 3.62 14.29 -6.82
C VAL D 13 4.65 14.50 -7.93
N GLU D 14 4.21 14.33 -9.16
CA GLU D 14 5.05 14.51 -10.35
C GLU D 14 5.20 15.99 -10.69
N GLU D 15 6.44 16.47 -10.81
CA GLU D 15 6.70 17.84 -11.30
C GLU D 15 5.80 18.14 -12.51
N GLY D 16 5.04 19.24 -12.42
CA GLY D 16 4.19 19.72 -13.53
C GLY D 16 2.75 19.30 -13.36
N GLN D 17 2.50 18.41 -12.42
CA GLN D 17 1.13 17.96 -12.20
C GLN D 17 0.53 18.79 -11.08
N THR D 18 -0.75 18.55 -10.82
CA THR D 18 -1.43 19.20 -9.73
C THR D 18 -1.33 18.40 -8.42
N LEU D 19 -0.86 19.07 -7.39
CA LEU D 19 -0.81 18.50 -6.05
C LEU D 19 -2.11 18.77 -5.28
N THR D 20 -2.59 17.77 -4.56
CA THR D 20 -3.81 17.93 -3.78
C THR D 20 -3.49 17.74 -2.29
N LEU D 21 -3.71 18.79 -1.51
CA LEU D 21 -3.47 18.70 -0.07
C LEU D 21 -4.84 18.63 0.59
N LYS D 22 -5.11 17.50 1.22
CA LYS D 22 -6.42 17.25 1.75
C LYS D 22 -6.21 17.11 3.24
N CYS D 23 -6.94 17.91 4.01
CA CYS D 23 -6.91 17.81 5.46
C CYS D 23 -8.31 17.45 5.99
N VAL D 24 -8.40 16.27 6.58
CA VAL D 24 -9.67 15.74 7.09
C VAL D 24 -9.53 15.43 8.58
N THR D 25 -10.46 15.98 9.38
CA THR D 25 -10.38 15.94 10.84
C THR D 25 -11.71 15.46 11.43
N SER D 26 -11.79 15.34 12.75
CA SER D 26 -13.06 14.96 13.33
C SER D 26 -13.92 16.21 13.30
N LEU D 27 -15.20 16.07 13.63
CA LEU D 27 -16.11 17.19 13.61
C LEU D 27 -16.12 17.88 14.95
N ARG D 28 -15.90 19.20 14.96
CA ARG D 28 -15.94 19.95 16.22
C ARG D 28 -16.67 21.25 16.03
N LYS D 29 -17.66 21.53 16.87
CA LYS D 29 -18.43 22.75 16.71
C LYS D 29 -17.49 23.93 16.75
N ASN D 30 -17.74 24.93 15.92
CA ASN D 30 -17.03 26.19 16.02
C ASN D 30 -15.50 26.14 15.85
N SER D 31 -14.98 25.12 15.18
CA SER D 31 -13.57 25.08 14.91
C SER D 31 -13.15 25.73 13.57
N SER D 32 -11.88 26.13 13.48
CA SER D 32 -11.29 26.61 12.22
C SER D 32 -10.26 25.63 11.66
N LEU D 33 -10.01 25.75 10.37
CA LEU D 33 -8.95 25.00 9.73
C LEU D 33 -8.06 25.94 8.96
N GLN D 34 -6.79 25.58 8.82
CA GLN D 34 -5.83 26.46 8.20
C GLN D 34 -4.72 25.68 7.55
N TRP D 35 -4.31 26.07 6.34
CA TRP D 35 -3.14 25.47 5.73
C TRP D 35 -1.95 26.46 5.70
N LEU D 36 -0.76 25.95 5.97
CA LEU D 36 0.46 26.74 5.93
C LEU D 36 1.40 26.17 4.90
N THR D 37 2.10 27.05 4.20
CA THR D 37 3.15 26.64 3.29
C THR D 37 4.36 26.23 4.13
N PRO D 38 5.31 25.53 3.51
CA PRO D 38 6.53 25.22 4.24
C PRO D 38 7.19 26.49 4.79
N SER D 39 7.05 27.61 4.08
CA SER D 39 7.61 28.88 4.56
C SER D 39 6.86 29.44 5.79
N GLY D 40 5.78 28.77 6.22
CA GLY D 40 5.03 29.23 7.37
C GLY D 40 4.00 30.33 7.10
N PHE D 41 3.70 30.59 5.81
CA PHE D 41 2.69 31.57 5.43
C PHE D 41 1.30 30.90 5.34
N THR D 42 0.24 31.63 5.66
CA THR D 42 -1.12 31.08 5.61
C THR D 42 -1.71 31.15 4.19
N ILE D 43 -2.02 29.98 3.63
CA ILE D 43 -2.64 29.91 2.31
C ILE D 43 -4.14 30.06 2.43
N PHE D 44 -4.75 29.20 3.23
CA PHE D 44 -6.15 29.39 3.51
C PHE D 44 -6.38 29.37 5.00
N LEU D 45 -7.31 30.21 5.46
CA LEU D 45 -7.96 30.01 6.74
C LEU D 45 -9.42 29.82 6.42
N ASN D 46 -9.95 28.65 6.74
CA ASN D 46 -11.28 28.22 6.29
C ASN D 46 -11.42 28.42 4.79
N GLU D 47 -12.47 29.11 4.33
CA GLU D 47 -12.67 29.34 2.89
C GLU D 47 -11.75 30.41 2.35
N TYR D 48 -11.18 31.23 3.23
CA TYR D 48 -10.60 32.49 2.77
C TYR D 48 -9.11 32.40 2.48
N PRO D 49 -8.72 32.87 1.27
CA PRO D 49 -7.30 32.94 0.95
C PRO D 49 -6.67 34.05 1.77
N VAL D 50 -5.43 33.82 2.22
CA VAL D 50 -4.68 34.86 2.90
C VAL D 50 -3.51 35.26 1.99
N LEU D 51 -2.62 34.34 1.67
CA LEU D 51 -1.57 34.66 0.74
C LEU D 51 -2.20 35.19 -0.58
N LYS D 52 -1.74 36.38 -1.02
CA LYS D 52 -2.29 37.06 -2.21
C LYS D 52 -1.56 36.52 -3.41
N ASN D 53 -0.30 36.23 -3.16
CA ASN D 53 0.58 35.67 -4.12
C ASN D 53 0.37 34.17 -4.16
N SER D 54 -0.63 33.71 -4.92
CA SER D 54 -0.74 32.29 -5.01
C SER D 54 -1.33 31.74 -6.28
N LYS D 55 -0.67 30.67 -6.72
CA LYS D 55 -1.28 29.73 -7.62
C LYS D 55 -2.11 28.68 -6.83
N TYR D 56 -2.08 28.72 -5.50
CA TYR D 56 -2.91 27.81 -4.68
C TYR D 56 -4.39 28.04 -4.86
N GLN D 57 -5.17 26.98 -5.03
CA GLN D 57 -6.63 27.12 -5.17
C GLN D 57 -7.36 26.37 -4.07
N LEU D 58 -8.54 26.86 -3.67
CA LEU D 58 -9.39 26.09 -2.81
C LEU D 58 -9.99 24.97 -3.65
N LEU D 59 -10.05 23.77 -3.07
CA LEU D 59 -10.79 22.66 -3.67
C LEU D 59 -12.08 22.38 -2.88
N HIS D 60 -11.98 22.28 -1.55
CA HIS D 60 -13.14 21.98 -0.74
C HIS D 60 -13.00 22.57 0.66
N HIS D 61 -14.08 23.17 1.18
CA HIS D 61 -14.08 23.47 2.60
C HIS D 61 -15.37 23.10 3.32
N SER D 62 -15.23 22.41 4.44
CA SER D 62 -16.36 22.17 5.34
C SER D 62 -15.82 21.96 6.76
N ALA D 63 -16.70 21.73 7.75
CA ALA D 63 -16.28 21.75 9.17
C ALA D 63 -15.14 20.79 9.49
N ASN D 64 -15.11 19.66 8.79
CA ASN D 64 -14.11 18.64 8.99
C ASN D 64 -13.15 18.39 7.80
N GLN D 65 -13.20 19.28 6.80
CA GLN D 65 -12.30 19.16 5.65
C GLN D 65 -11.85 20.52 5.11
N LEU D 66 -10.55 20.60 4.84
CA LEU D 66 -9.97 21.71 4.07
C LEU D 66 -8.95 21.14 3.07
N SER D 67 -9.32 21.17 1.79
CA SER D 67 -8.46 20.72 0.70
C SER D 67 -8.19 21.86 -0.28
N ILE D 68 -6.94 21.97 -0.64
CA ILE D 68 -6.47 22.95 -1.63
C ILE D 68 -5.64 22.21 -2.69
N THR D 69 -5.40 22.84 -3.84
CA THR D 69 -4.55 22.26 -4.88
C THR D 69 -3.46 23.24 -5.25
N VAL D 70 -2.29 22.72 -5.63
CA VAL D 70 -1.23 23.57 -6.12
C VAL D 70 -0.78 23.07 -7.48
N PRO D 71 -1.31 23.70 -8.55
CA PRO D 71 -1.10 23.34 -9.94
C PRO D 71 0.33 23.55 -10.37
N ASN D 72 0.71 22.92 -11.47
CA ASN D 72 2.04 23.10 -12.02
C ASN D 72 3.08 23.17 -10.95
N VAL D 73 2.94 22.31 -9.96
CA VAL D 73 3.92 22.27 -8.87
C VAL D 73 5.34 22.13 -9.41
N THR D 74 6.27 22.81 -8.76
CA THR D 74 7.66 22.85 -9.15
C THR D 74 8.49 22.30 -8.00
N LEU D 75 9.81 22.33 -8.14
CA LEU D 75 10.65 21.76 -7.10
C LEU D 75 10.64 22.67 -5.90
N GLN D 76 10.47 23.98 -6.14
CA GLN D 76 10.39 24.97 -5.08
C GLN D 76 9.20 24.71 -4.15
N ASP D 77 8.22 23.94 -4.64
CA ASP D 77 6.99 23.67 -3.89
C ASP D 77 7.09 22.50 -2.89
N GLU D 78 8.22 21.83 -2.85
CA GLU D 78 8.49 20.77 -1.90
C GLU D 78 8.55 21.28 -0.46
N GLY D 79 8.28 20.41 0.50
CA GLY D 79 8.47 20.77 1.89
C GLY D 79 7.30 20.33 2.75
N VAL D 80 7.35 20.70 4.03
CA VAL D 80 6.33 20.36 5.00
C VAL D 80 5.25 21.42 5.10
N TYR D 81 4.08 21.10 4.56
CA TYR D 81 2.89 21.91 4.74
C TYR D 81 2.20 21.48 6.01
N LYS D 82 1.59 22.43 6.68
CA LYS D 82 0.92 22.16 7.94
C LYS D 82 -0.55 22.48 7.85
N CYS D 83 -1.36 21.59 8.38
CA CYS D 83 -2.76 21.89 8.55
C CYS D 83 -3.02 21.97 10.04
N LEU D 84 -3.66 23.06 10.46
CA LEU D 84 -3.95 23.30 11.85
C LEU D 84 -5.45 23.30 12.08
N HIS D 85 -5.90 22.61 13.12
CA HIS D 85 -7.32 22.51 13.44
C HIS D 85 -7.51 23.16 14.81
N TYR D 86 -8.24 24.28 14.82
CA TYR D 86 -8.42 25.11 15.99
C TYR D 86 -9.73 24.81 16.68
N SER D 87 -9.65 24.24 17.89
N SER D 87 -9.65 24.11 17.81
CA SER D 87 -10.85 24.03 18.71
CA SER D 87 -10.77 23.94 18.71
C SER D 87 -10.64 24.50 20.16
C SER D 87 -10.24 24.19 20.12
N ASP D 88 -10.89 23.63 21.14
CA ASP D 88 -10.45 23.89 22.51
C ASP D 88 -8.94 23.93 22.47
N SER D 89 -8.37 22.93 21.81
CA SER D 89 -6.95 22.93 21.59
C SER D 89 -6.71 22.98 20.10
N VAL D 90 -5.45 22.95 19.72
CA VAL D 90 -5.05 22.97 18.34
C VAL D 90 -4.36 21.65 18.02
N SER D 91 -4.82 20.96 16.98
CA SER D 91 -4.08 19.82 16.49
C SER D 91 -3.41 20.18 15.15
N THR D 92 -2.22 19.64 14.95
CA THR D 92 -1.37 19.99 13.84
C THR D 92 -1.18 18.74 12.96
N LYS D 93 -1.25 18.92 11.65
CA LYS D 93 -0.96 17.83 10.75
C LYS D 93 0.13 18.25 9.77
N GLU D 94 1.22 17.50 9.80
CA GLU D 94 2.35 17.80 8.96
C GLU D 94 2.42 16.87 7.78
N VAL D 95 2.32 17.47 6.60
CA VAL D 95 2.39 16.75 5.35
C VAL D 95 3.65 17.12 4.57
N LYS D 96 4.62 16.21 4.58
CA LYS D 96 5.82 16.37 3.76
C LYS D 96 5.52 16.07 2.30
N VAL D 97 5.83 17.01 1.43
CA VAL D 97 5.63 16.82 0.02
C VAL D 97 6.96 16.62 -0.71
N ILE D 98 7.05 15.54 -1.46
CA ILE D 98 8.22 15.31 -2.27
C ILE D 98 7.82 15.47 -3.72
N VAL D 99 8.52 16.33 -4.43
CA VAL D 99 8.17 16.58 -5.81
C VAL D 99 9.10 15.74 -6.68
N LEU D 100 8.53 14.80 -7.43
CA LEU D 100 9.33 13.92 -8.31
C LEU D 100 9.62 14.61 -9.64
N ALA D 101 10.87 14.56 -10.09
CA ALA D 101 11.21 15.23 -11.34
C ALA D 101 10.68 14.51 -12.57
N THR D 102 10.31 15.30 -13.58
CA THR D 102 9.75 14.79 -14.83
C THR D 102 10.75 15.08 -15.95
N MET D 103 10.39 14.75 -17.19
CA MET D 103 11.27 14.94 -18.35
C MET D 103 11.02 16.28 -19.07
N LYS D 104 12.10 16.98 -19.46
CA LYS D 104 11.95 18.34 -20.04
C LYS D 104 12.88 18.72 -21.21
N GLY D 105 12.26 19.16 -22.32
CA GLY D 105 12.94 19.59 -23.56
C GLY D 105 14.14 18.78 -24.04
P PO4 E . -3.63 -4.71 11.05
O1 PO4 E . -3.72 -4.32 12.51
O2 PO4 E . -4.22 -6.09 10.82
O3 PO4 E . -4.39 -3.73 10.18
O4 PO4 E . -2.20 -4.69 10.62
P PO4 F . -23.85 -7.59 3.52
O1 PO4 F . -22.57 -6.79 3.41
O2 PO4 F . -24.01 -8.11 4.93
O3 PO4 F . -25.02 -6.70 3.16
O4 PO4 F . -23.80 -8.77 2.58
P PO4 G . 27.52 -9.71 -3.22
O1 PO4 G . 27.62 -10.81 -4.27
O2 PO4 G . 28.87 -9.50 -2.59
O3 PO4 G . 27.11 -8.43 -3.93
O4 PO4 G . 26.53 -10.06 -2.15
P PO4 H . -8.51 16.18 15.03
O1 PO4 H . -8.20 16.07 16.52
O2 PO4 H . -8.23 14.90 14.29
O3 PO4 H . -9.96 16.55 14.89
O4 PO4 H . -7.64 17.25 14.41
#